data_7NMB
#
_entry.id   7NMB
#
_entity_poly.entity_id   1
_entity_poly.type   'polypeptide(L)'
_entity_poly.pdbx_seq_one_letter_code
;MAHHHHHHGSMFGLGHNSKEISMSHIGTKFILAEKFTFDPLSNTLIDKEDSEEIIRLGSNESRILWLLAQRPNEVISRND
LHDFVWREQGFEVDDSSLTQAISTLRKMLKDSTKSPQYVKTVPKRGYQLIARVETVEEEMARES
;
_entity_poly.pdbx_strand_id   A
#
# COMPACT_ATOMS: atom_id res chain seq x y z
N ILE A 26 -13.69 -2.91 -4.84
CA ILE A 26 -13.99 -3.31 -6.21
C ILE A 26 -13.00 -2.68 -7.18
N GLY A 27 -11.82 -2.34 -6.68
CA GLY A 27 -10.78 -1.71 -7.51
C GLY A 27 -11.02 -0.22 -7.64
N THR A 28 -11.69 0.36 -6.64
CA THR A 28 -11.99 1.79 -6.66
C THR A 28 -10.71 2.62 -6.64
N LYS A 29 -10.65 3.61 -7.53
CA LYS A 29 -9.46 4.45 -7.66
C LYS A 29 -9.39 5.48 -6.54
N PHE A 30 -8.20 5.63 -5.96
CA PHE A 30 -8.00 6.59 -4.88
C PHE A 30 -6.76 7.44 -5.13
N ILE A 31 -6.82 8.70 -4.70
CA ILE A 31 -5.62 9.54 -4.62
C ILE A 31 -4.99 9.47 -3.24
N LEU A 32 -3.70 9.13 -3.21
CA LEU A 32 -2.97 9.01 -1.96
C LEU A 32 -2.16 10.26 -1.66
N ALA A 33 -2.36 10.84 -0.48
CA ALA A 33 -1.51 11.91 0.01
C ALA A 33 -1.64 13.16 -0.87
N GLU A 34 -2.72 13.21 -1.65
CA GLU A 34 -2.95 14.32 -2.56
C GLU A 34 -1.73 14.55 -3.46
N LYS A 35 -0.98 13.48 -3.71
CA LYS A 35 0.26 13.57 -4.47
C LYS A 35 0.33 12.50 -5.56
N PHE A 36 -0.30 11.37 -5.29
CA PHE A 36 -0.26 10.23 -6.21
C PHE A 36 -1.65 9.70 -6.50
N THR A 37 -1.89 9.30 -7.75
CA THR A 37 -3.12 8.62 -8.12
C THR A 37 -2.93 7.11 -8.17
N PHE A 38 -3.61 6.40 -7.28
CA PHE A 38 -3.46 4.96 -7.19
C PHE A 38 -4.68 4.23 -7.74
N ASP A 39 -4.44 3.26 -8.62
CA ASP A 39 -5.50 2.40 -9.12
C ASP A 39 -5.32 0.97 -8.61
N PRO A 40 -6.08 0.62 -7.59
CA PRO A 40 -5.99 -0.71 -6.99
C PRO A 40 -6.30 -1.80 -8.01
N LEU A 41 -7.17 -1.49 -8.95
CA LEU A 41 -7.63 -2.46 -9.93
C LEU A 41 -6.47 -2.91 -10.83
N SER A 42 -5.72 -1.94 -11.35
CA SER A 42 -4.57 -2.24 -12.18
C SER A 42 -3.32 -2.45 -11.34
N ASN A 43 -3.39 -2.06 -10.08
CA ASN A 43 -2.26 -2.19 -9.17
C ASN A 43 -1.09 -1.33 -9.62
N THR A 44 -1.38 -0.07 -9.94
CA THR A 44 -0.35 0.86 -10.40
C THR A 44 -0.48 2.21 -9.68
N LEU A 45 0.64 2.90 -9.53
CA LEU A 45 0.66 4.22 -8.93
C LEU A 45 1.21 5.27 -9.89
N ILE A 46 0.46 6.34 -10.10
CA ILE A 46 0.86 7.39 -11.04
C ILE A 46 1.01 8.73 -10.31
N ASP A 47 2.22 9.27 -10.35
CA ASP A 47 2.51 10.54 -9.69
C ASP A 47 1.73 11.68 -10.33
N LYS A 48 0.99 12.42 -9.53
CA LYS A 48 0.18 13.53 -10.02
C LYS A 48 1.04 14.65 -10.56
N GLU A 49 2.26 14.77 -10.03
CA GLU A 49 3.19 15.80 -10.45
C GLU A 49 3.99 15.36 -11.68
N ASP A 50 3.92 14.06 -11.98
CA ASP A 50 4.68 13.49 -13.09
C ASP A 50 3.95 12.29 -13.69
N SER A 51 3.11 12.54 -14.68
CA SER A 51 2.27 11.50 -15.25
C SER A 51 3.10 10.44 -15.94
N GLU A 52 4.35 10.79 -16.27
CA GLU A 52 5.26 9.85 -16.92
C GLU A 52 5.84 8.86 -15.91
N GLU A 53 5.77 9.23 -14.63
CA GLU A 53 6.25 8.35 -13.57
C GLU A 53 5.17 7.40 -13.11
N ILE A 54 5.22 6.16 -13.59
CA ILE A 54 4.26 5.13 -13.21
C ILE A 54 4.96 3.89 -12.67
N ILE A 55 4.61 3.53 -11.43
CA ILE A 55 5.23 2.39 -10.77
C ILE A 55 4.22 1.28 -10.52
N ARG A 56 4.57 0.06 -10.92
CA ARG A 56 3.71 -1.10 -10.71
C ARG A 56 3.84 -1.62 -9.28
N LEU A 57 2.72 -2.05 -8.71
CA LEU A 57 2.69 -2.51 -7.33
C LEU A 57 2.71 -4.03 -7.26
N GLY A 58 3.49 -4.57 -6.32
CA GLY A 58 3.66 -6.01 -6.20
C GLY A 58 2.47 -6.66 -5.52
N SER A 59 2.48 -7.98 -5.43
CA SER A 59 1.34 -8.74 -4.95
C SER A 59 1.03 -8.44 -3.49
N ASN A 60 1.99 -8.75 -2.63
CA ASN A 60 1.85 -8.49 -1.20
C ASN A 60 1.79 -7.01 -0.90
N GLU A 61 2.42 -6.22 -1.76
CA GLU A 61 2.40 -4.76 -1.63
C GLU A 61 1.00 -4.21 -1.84
N SER A 62 0.22 -4.89 -2.70
CA SER A 62 -1.16 -4.50 -2.94
C SER A 62 -2.08 -5.12 -1.90
N ARG A 63 -1.66 -6.25 -1.34
CA ARG A 63 -2.41 -6.90 -0.26
C ARG A 63 -2.46 -6.01 0.98
N ILE A 64 -1.38 -5.28 1.22
CA ILE A 64 -1.33 -4.34 2.34
C ILE A 64 -2.35 -3.24 2.18
N LEU A 65 -2.38 -2.62 1.01
CA LEU A 65 -3.28 -1.50 0.74
C LEU A 65 -4.73 -1.97 0.68
N TRP A 66 -4.92 -3.22 0.25
CA TRP A 66 -6.24 -3.83 0.26
C TRP A 66 -6.79 -3.94 1.68
N LEU A 67 -5.98 -4.47 2.58
CA LEU A 67 -6.37 -4.60 3.98
C LEU A 67 -6.60 -3.24 4.62
N LEU A 68 -5.79 -2.27 4.24
CA LEU A 68 -5.96 -0.90 4.70
C LEU A 68 -7.24 -0.28 4.17
N ALA A 69 -7.60 -0.65 2.94
CA ALA A 69 -8.86 -0.22 2.35
C ALA A 69 -10.05 -0.88 3.04
N GLN A 70 -9.86 -2.12 3.47
CA GLN A 70 -10.90 -2.86 4.16
C GLN A 70 -10.95 -2.50 5.64
N ARG A 71 -9.87 -1.92 6.13
CA ARG A 71 -9.80 -1.46 7.52
C ARG A 71 -9.18 -0.08 7.60
N PRO A 72 -9.92 0.93 7.15
CA PRO A 72 -9.44 2.31 7.18
C PRO A 72 -9.08 2.74 8.59
N ASN A 73 -7.92 3.38 8.74
CA ASN A 73 -7.51 3.94 10.02
C ASN A 73 -7.28 2.85 11.05
N GLU A 74 -6.86 1.67 10.60
CA GLU A 74 -6.52 0.58 11.49
C GLU A 74 -5.15 0.00 11.15
N VAL A 75 -4.43 -0.45 12.17
CA VAL A 75 -3.11 -1.02 11.99
C VAL A 75 -3.18 -2.44 11.44
N ILE A 76 -2.51 -2.67 10.32
CA ILE A 76 -2.50 -3.99 9.69
C ILE A 76 -1.25 -4.78 10.07
N SER A 77 -1.45 -5.93 10.68
CA SER A 77 -0.35 -6.76 11.16
C SER A 77 0.11 -7.74 10.09
N ARG A 78 1.22 -8.41 10.34
CA ARG A 78 1.68 -9.50 9.49
C ARG A 78 0.70 -10.67 9.53
N ASN A 79 0.08 -10.88 10.69
CA ASN A 79 -0.94 -11.90 10.84
C ASN A 79 -2.18 -11.57 10.00
N ASP A 80 -2.50 -10.28 9.93
CA ASP A 80 -3.57 -9.80 9.07
C ASP A 80 -3.27 -10.09 7.61
N LEU A 81 -2.04 -9.82 7.19
CA LEU A 81 -1.59 -10.13 5.86
C LEU A 81 -1.71 -11.63 5.57
N HIS A 82 -1.27 -12.45 6.52
CA HIS A 82 -1.36 -13.89 6.39
C HIS A 82 -2.80 -14.34 6.26
N ASP A 83 -3.69 -13.72 7.04
CA ASP A 83 -5.11 -14.03 6.99
C ASP A 83 -5.67 -13.81 5.59
N PHE A 84 -5.31 -12.67 4.99
CA PHE A 84 -5.74 -12.36 3.63
C PHE A 84 -5.28 -13.43 2.64
N VAL A 85 -4.02 -13.85 2.80
CA VAL A 85 -3.46 -14.90 1.95
C VAL A 85 -4.19 -16.21 2.14
N TRP A 86 -4.54 -16.52 3.39
CA TRP A 86 -5.21 -17.77 3.71
C TRP A 86 -6.64 -17.78 3.19
N ARG A 87 -7.26 -16.60 3.14
CA ARG A 87 -8.62 -16.46 2.64
C ARG A 87 -8.65 -16.58 1.11
N GLU A 88 -9.86 -16.75 0.57
CA GLU A 88 -10.03 -16.87 -0.87
C GLU A 88 -9.34 -18.12 -1.41
N GLN A 89 -9.36 -18.27 -2.73
CA GLN A 89 -8.74 -19.43 -3.37
C GLN A 89 -7.42 -19.05 -4.02
N GLY A 90 -7.02 -17.80 -3.86
CA GLY A 90 -5.77 -17.31 -4.45
C GLY A 90 -4.57 -17.75 -3.62
N PHE A 91 -3.38 -17.51 -4.16
CA PHE A 91 -2.14 -17.92 -3.49
C PHE A 91 -1.15 -16.76 -3.42
N GLU A 92 -0.26 -16.81 -2.45
CA GLU A 92 0.77 -15.79 -2.28
C GLU A 92 1.88 -15.95 -3.30
N VAL A 93 2.15 -14.91 -4.07
CA VAL A 93 3.22 -14.93 -5.06
C VAL A 93 4.58 -14.80 -4.39
N ASP A 94 4.60 -14.12 -3.24
CA ASP A 94 5.84 -13.94 -2.49
C ASP A 94 6.79 -12.99 -3.22
N ASP A 95 6.26 -11.84 -3.61
CA ASP A 95 7.09 -10.79 -4.22
C ASP A 95 8.00 -10.14 -3.19
N SER A 96 7.48 -9.95 -1.98
CA SER A 96 8.26 -9.37 -0.90
C SER A 96 7.59 -9.59 0.45
N SER A 97 8.34 -9.42 1.52
CA SER A 97 7.79 -9.51 2.87
C SER A 97 6.98 -8.27 3.22
N LEU A 98 6.36 -8.29 4.40
CA LEU A 98 5.60 -7.15 4.88
C LEU A 98 6.47 -5.90 4.95
N THR A 99 7.56 -5.98 5.70
CA THR A 99 8.44 -4.84 5.91
C THR A 99 9.05 -4.35 4.61
N GLN A 100 9.43 -5.30 3.75
CA GLN A 100 9.97 -4.98 2.44
C GLN A 100 8.93 -4.29 1.57
N ALA A 101 7.69 -4.77 1.64
CA ALA A 101 6.59 -4.18 0.89
C ALA A 101 6.30 -2.76 1.37
N ILE A 102 6.40 -2.56 2.68
CA ILE A 102 6.21 -1.24 3.26
C ILE A 102 7.29 -0.26 2.80
N SER A 103 8.53 -0.74 2.76
CA SER A 103 9.64 0.06 2.27
C SER A 103 9.41 0.50 0.83
N THR A 104 8.92 -0.42 0.01
CA THR A 104 8.60 -0.11 -1.38
C THR A 104 7.47 0.92 -1.46
N LEU A 105 6.45 0.75 -0.64
CA LEU A 105 5.34 1.69 -0.58
C LEU A 105 5.81 3.09 -0.18
N ARG A 106 6.76 3.14 0.75
CA ARG A 106 7.34 4.41 1.19
C ARG A 106 8.11 5.08 0.05
N LYS A 107 8.84 4.28 -0.71
CA LYS A 107 9.57 4.79 -1.87
C LYS A 107 8.60 5.30 -2.94
N MET A 108 7.54 4.54 -3.18
CA MET A 108 6.57 4.90 -4.20
C MET A 108 5.84 6.20 -3.83
N LEU A 109 5.61 6.39 -2.54
CA LEU A 109 4.96 7.60 -2.06
C LEU A 109 5.98 8.69 -1.77
N LYS A 110 7.25 8.38 -1.98
CA LYS A 110 8.32 9.35 -1.78
C LYS A 110 8.28 9.94 -0.38
N ASP A 111 8.07 9.08 0.61
CA ASP A 111 7.98 9.51 2.00
C ASP A 111 9.37 9.72 2.59
N SER A 112 9.42 10.30 3.79
CA SER A 112 10.68 10.54 4.48
C SER A 112 11.26 9.23 5.02
N THR A 113 12.58 9.11 4.98
CA THR A 113 13.26 7.91 5.46
C THR A 113 13.36 7.90 6.98
N LYS A 114 13.74 9.04 7.55
CA LYS A 114 14.00 9.12 8.98
C LYS A 114 12.70 9.32 9.76
N SER A 115 11.77 10.06 9.18
CA SER A 115 10.49 10.33 9.83
C SER A 115 9.36 10.40 8.81
N PRO A 116 8.85 9.25 8.41
CA PRO A 116 7.80 9.17 7.41
C PRO A 116 6.51 9.81 7.91
N GLN A 117 5.84 10.55 7.05
CA GLN A 117 4.64 11.29 7.43
C GLN A 117 3.40 10.75 6.74
N TYR A 118 3.61 9.80 5.84
CA TYR A 118 2.51 9.21 5.08
C TYR A 118 2.35 7.73 5.39
N VAL A 119 3.43 7.10 5.82
CA VAL A 119 3.38 5.73 6.31
C VAL A 119 3.81 5.63 7.77
N LYS A 120 2.94 5.09 8.60
CA LYS A 120 3.21 4.99 10.03
C LYS A 120 3.56 3.56 10.43
N THR A 121 4.61 3.41 11.23
CA THR A 121 4.98 2.11 11.77
C THR A 121 4.67 2.03 13.27
N VAL A 122 3.90 1.01 13.66
CA VAL A 122 3.55 0.82 15.06
C VAL A 122 4.24 -0.43 15.63
N PRO A 123 5.13 -0.22 16.59
CA PRO A 123 5.94 -1.31 17.13
C PRO A 123 5.05 -2.44 17.63
N LYS A 124 5.32 -3.65 17.15
CA LYS A 124 4.68 -4.84 17.68
C LYS A 124 3.18 -4.82 17.44
N ARG A 125 2.76 -4.07 16.43
CA ARG A 125 1.36 -4.05 16.02
C ARG A 125 1.23 -4.24 14.52
N GLY A 126 2.05 -3.55 13.76
CA GLY A 126 1.99 -3.61 12.30
C GLY A 126 2.22 -2.24 11.67
N TYR A 127 1.64 -2.02 10.50
CA TYR A 127 1.79 -0.76 9.78
C TYR A 127 0.44 -0.14 9.46
N GLN A 128 0.42 1.19 9.33
CA GLN A 128 -0.81 1.90 9.05
C GLN A 128 -0.56 3.09 8.12
N LEU A 129 -1.35 3.18 7.06
CA LEU A 129 -1.22 4.26 6.10
C LEU A 129 -1.80 5.56 6.63
N ILE A 130 -1.00 6.62 6.62
CA ILE A 130 -1.46 7.93 7.06
C ILE A 130 -1.92 8.76 5.87
N ALA A 131 -1.35 8.48 4.70
CA ALA A 131 -1.68 9.23 3.49
C ALA A 131 -3.18 9.37 3.32
N ARG A 132 -3.63 10.60 3.06
CA ARG A 132 -5.05 10.86 2.83
C ARG A 132 -5.57 10.08 1.64
N VAL A 133 -6.74 9.47 1.80
CA VAL A 133 -7.33 8.65 0.75
C VAL A 133 -8.57 9.32 0.17
N GLU A 134 -8.45 9.82 -1.05
CA GLU A 134 -9.55 10.51 -1.71
C GLU A 134 -10.15 9.67 -2.83
N THR A 135 -11.45 9.40 -2.73
CA THR A 135 -12.14 8.61 -3.74
C THR A 135 -12.17 9.33 -5.08
N VAL A 136 -11.78 8.61 -6.13
CA VAL A 136 -11.78 9.18 -7.48
C VAL A 136 -12.94 8.66 -8.31
N GLU A 137 -12.96 7.34 -8.51
CA GLU A 137 -13.96 6.72 -9.38
C GLU A 137 -14.00 5.21 -9.18
N GLU A 138 -15.11 4.59 -9.57
CA GLU A 138 -15.28 3.15 -9.43
C GLU A 138 -15.18 2.45 -10.79
N ILE A 26 -16.03 1.11 -2.63
CA ILE A 26 -16.50 0.36 -3.79
C ILE A 26 -16.10 1.04 -5.09
N GLY A 27 -14.99 1.77 -5.06
CA GLY A 27 -14.49 2.47 -6.23
C GLY A 27 -13.46 1.65 -6.97
N THR A 28 -12.72 2.30 -7.87
CA THR A 28 -11.68 1.63 -8.64
C THR A 28 -10.33 2.29 -8.43
N LYS A 29 -10.35 3.55 -8.03
CA LYS A 29 -9.12 4.29 -7.75
C LYS A 29 -9.18 4.97 -6.39
N PHE A 30 -8.01 5.28 -5.83
CA PHE A 30 -7.94 6.00 -4.56
C PHE A 30 -6.89 7.10 -4.63
N ILE A 31 -7.28 8.30 -4.20
CA ILE A 31 -6.35 9.43 -4.16
C ILE A 31 -5.66 9.52 -2.81
N LEU A 32 -4.34 9.43 -2.82
CA LEU A 32 -3.57 9.37 -1.58
C LEU A 32 -2.99 10.74 -1.23
N ALA A 33 -3.69 11.47 -0.36
CA ALA A 33 -3.19 12.74 0.15
C ALA A 33 -3.02 13.75 -0.98
N GLU A 34 -3.70 13.51 -2.10
CA GLU A 34 -3.58 14.35 -3.27
C GLU A 34 -2.13 14.48 -3.71
N LYS A 35 -1.35 13.43 -3.47
CA LYS A 35 0.05 13.38 -3.91
C LYS A 35 0.30 12.18 -4.80
N PHE A 36 -0.45 11.10 -4.58
CA PHE A 36 -0.39 9.93 -5.43
C PHE A 36 -1.78 9.50 -5.89
N THR A 37 -1.86 8.97 -7.11
CA THR A 37 -3.09 8.34 -7.59
C THR A 37 -2.92 6.83 -7.68
N PHE A 38 -3.62 6.11 -6.81
CA PHE A 38 -3.46 4.66 -6.72
C PHE A 38 -4.61 3.94 -7.40
N ASP A 39 -4.28 3.12 -8.39
CA ASP A 39 -5.28 2.32 -9.10
C ASP A 39 -5.09 0.83 -8.83
N PRO A 40 -5.77 0.33 -7.81
CA PRO A 40 -5.63 -1.06 -7.40
C PRO A 40 -6.24 -2.00 -8.43
N LEU A 41 -7.17 -1.47 -9.22
CA LEU A 41 -7.80 -2.24 -10.28
C LEU A 41 -6.80 -2.63 -11.36
N SER A 42 -5.99 -1.66 -11.78
CA SER A 42 -4.94 -1.90 -12.77
C SER A 42 -3.63 -2.25 -12.08
N ASN A 43 -3.59 -2.10 -10.76
CA ASN A 43 -2.40 -2.43 -9.98
C ASN A 43 -1.25 -1.49 -10.31
N THR A 44 -1.56 -0.20 -10.41
CA THR A 44 -0.55 0.81 -10.73
C THR A 44 -0.61 1.98 -9.76
N LEU A 45 0.50 2.71 -9.65
CA LEU A 45 0.56 3.88 -8.79
C LEU A 45 1.25 5.04 -9.49
N ILE A 46 0.49 6.10 -9.73
CA ILE A 46 0.98 7.23 -10.53
C ILE A 46 1.16 8.47 -9.66
N ASP A 47 2.37 9.04 -9.68
CA ASP A 47 2.66 10.23 -8.92
C ASP A 47 1.86 11.43 -9.42
N LYS A 48 1.07 12.02 -8.54
CA LYS A 48 0.19 13.12 -8.91
C LYS A 48 0.99 14.35 -9.36
N GLU A 49 2.15 14.55 -8.74
CA GLU A 49 2.98 15.70 -9.02
C GLU A 49 3.88 15.44 -10.22
N ASP A 50 3.89 14.21 -10.70
CA ASP A 50 4.73 13.81 -11.82
C ASP A 50 4.09 12.69 -12.63
N SER A 51 3.34 13.08 -13.66
CA SER A 51 2.57 12.12 -14.44
C SER A 51 3.47 11.14 -15.18
N GLU A 52 4.73 11.54 -15.36
CA GLU A 52 5.72 10.68 -16.01
C GLU A 52 6.15 9.55 -15.09
N GLU A 53 6.00 9.76 -13.79
CA GLU A 53 6.36 8.75 -12.80
C GLU A 53 5.22 7.75 -12.59
N ILE A 54 5.36 6.57 -13.20
CA ILE A 54 4.35 5.54 -13.09
C ILE A 54 4.93 4.23 -12.57
N ILE A 55 4.48 3.81 -11.40
CA ILE A 55 4.98 2.60 -10.76
C ILE A 55 4.02 1.43 -10.95
N ARG A 56 4.50 0.38 -11.61
CA ARG A 56 3.72 -0.84 -11.76
C ARG A 56 3.91 -1.77 -10.57
N LEU A 57 2.82 -2.09 -9.88
CA LEU A 57 2.88 -2.86 -8.65
C LEU A 57 2.49 -4.32 -8.88
N GLY A 58 3.06 -5.21 -8.08
CA GLY A 58 2.71 -6.62 -8.14
C GLY A 58 1.40 -6.89 -7.41
N SER A 59 0.99 -8.16 -7.38
CA SER A 59 -0.27 -8.55 -6.75
C SER A 59 -0.27 -8.20 -5.28
N ASN A 60 0.77 -8.62 -4.57
CA ASN A 60 0.87 -8.38 -3.13
C ASN A 60 1.12 -6.91 -2.84
N GLU A 61 1.91 -6.27 -3.69
CA GLU A 61 2.27 -4.87 -3.50
C GLU A 61 1.06 -3.96 -3.58
N SER A 62 0.19 -4.23 -4.55
CA SER A 62 -1.04 -3.45 -4.72
C SER A 62 -2.10 -3.89 -3.73
N ARG A 63 -2.10 -5.17 -3.37
CA ARG A 63 -3.05 -5.71 -2.42
C ARG A 63 -2.91 -5.04 -1.06
N ILE A 64 -1.67 -4.90 -0.61
CA ILE A 64 -1.40 -4.35 0.72
C ILE A 64 -1.82 -2.89 0.81
N LEU A 65 -1.45 -2.10 -0.20
CA LEU A 65 -1.80 -0.70 -0.25
C LEU A 65 -3.30 -0.51 -0.41
N TRP A 66 -3.93 -1.41 -1.18
CA TRP A 66 -5.37 -1.40 -1.35
C TRP A 66 -6.08 -1.66 -0.02
N LEU A 67 -5.58 -2.62 0.74
CA LEU A 67 -6.10 -2.91 2.06
C LEU A 67 -6.00 -1.70 2.98
N LEU A 68 -4.88 -0.97 2.86
CA LEU A 68 -4.70 0.28 3.58
C LEU A 68 -5.68 1.34 3.08
N ALA A 69 -5.96 1.33 1.79
CA ALA A 69 -6.93 2.24 1.20
C ALA A 69 -8.35 1.88 1.63
N GLN A 70 -8.55 0.62 2.00
CA GLN A 70 -9.84 0.18 2.52
C GLN A 70 -9.93 0.38 4.03
N ARG A 71 -8.76 0.43 4.68
CA ARG A 71 -8.71 0.63 6.12
C ARG A 71 -7.69 1.70 6.49
N PRO A 72 -7.89 2.92 5.99
CA PRO A 72 -7.02 4.03 6.31
C PRO A 72 -7.23 4.50 7.74
N ASN A 73 -6.18 5.04 8.35
CA ASN A 73 -6.24 5.49 9.73
C ASN A 73 -6.47 4.33 10.69
N GLU A 74 -6.15 3.13 10.23
CA GLU A 74 -6.30 1.93 11.06
C GLU A 74 -5.09 1.01 10.91
N VAL A 75 -4.73 0.35 12.00
CA VAL A 75 -3.56 -0.51 12.03
C VAL A 75 -3.86 -1.89 11.46
N ILE A 76 -3.09 -2.29 10.45
CA ILE A 76 -3.16 -3.66 9.95
C ILE A 76 -1.98 -4.49 10.45
N SER A 77 -2.28 -5.58 11.13
CA SER A 77 -1.27 -6.32 11.88
C SER A 77 -0.40 -7.14 10.94
N ARG A 78 0.75 -7.60 11.45
CA ARG A 78 1.60 -8.53 10.72
C ARG A 78 0.90 -9.87 10.52
N ASN A 79 0.06 -10.25 11.48
CA ASN A 79 -0.73 -11.47 11.36
C ASN A 79 -1.69 -11.39 10.18
N ASP A 80 -2.33 -10.23 10.03
CA ASP A 80 -3.17 -9.96 8.86
C ASP A 80 -2.35 -9.95 7.58
N LEU A 81 -1.20 -9.28 7.64
CA LEU A 81 -0.30 -9.21 6.48
C LEU A 81 -0.01 -10.60 5.93
N HIS A 82 0.39 -11.52 6.82
CA HIS A 82 0.77 -12.87 6.41
C HIS A 82 -0.40 -13.57 5.71
N ASP A 83 -1.61 -13.25 6.12
CA ASP A 83 -2.80 -13.86 5.56
C ASP A 83 -2.97 -13.50 4.09
N PHE A 84 -2.43 -12.34 3.71
CA PHE A 84 -2.59 -11.83 2.35
C PHE A 84 -1.31 -12.02 1.55
N VAL A 85 -0.20 -12.20 2.25
CA VAL A 85 1.10 -12.36 1.60
C VAL A 85 1.53 -13.82 1.57
N TRP A 86 1.57 -14.43 2.75
CA TRP A 86 1.97 -15.84 2.86
C TRP A 86 0.85 -16.76 2.41
N ARG A 87 -0.37 -16.46 2.84
CA ARG A 87 -1.54 -17.22 2.43
C ARG A 87 -1.41 -18.69 2.82
N GLU A 88 -2.13 -19.55 2.11
CA GLU A 88 -2.05 -20.99 2.35
C GLU A 88 -0.71 -21.55 1.89
N GLN A 89 -0.26 -22.61 2.54
CA GLN A 89 1.06 -23.18 2.27
C GLN A 89 1.13 -23.75 0.86
N GLY A 90 -0.03 -24.16 0.34
CA GLY A 90 -0.10 -24.76 -0.99
C GLY A 90 -0.03 -23.70 -2.07
N PHE A 91 -0.27 -22.45 -1.69
CA PHE A 91 -0.29 -21.35 -2.64
C PHE A 91 1.12 -20.89 -2.98
N GLU A 92 1.34 -20.61 -4.26
CA GLU A 92 2.62 -20.04 -4.71
C GLU A 92 2.62 -18.52 -4.58
N VAL A 93 3.33 -18.03 -3.56
CA VAL A 93 3.31 -16.62 -3.23
C VAL A 93 4.72 -16.06 -3.09
N ASP A 94 4.83 -14.74 -3.08
CA ASP A 94 6.10 -14.08 -2.81
C ASP A 94 6.33 -13.90 -1.31
N ASP A 95 7.14 -14.80 -0.75
CA ASP A 95 7.39 -14.78 0.69
C ASP A 95 8.09 -13.50 1.12
N SER A 96 7.44 -12.73 1.97
CA SER A 96 7.98 -11.46 2.43
C SER A 96 7.83 -11.30 3.95
N SER A 97 7.99 -10.08 4.43
CA SER A 97 7.94 -9.81 5.87
C SER A 97 7.32 -8.45 6.15
N LEU A 98 7.12 -8.14 7.43
CA LEU A 98 6.58 -6.85 7.82
C LEU A 98 7.53 -5.71 7.42
N THR A 99 8.82 -5.90 7.66
CA THR A 99 9.81 -4.90 7.32
C THR A 99 9.84 -4.63 5.82
N GLN A 100 9.84 -5.70 5.04
CA GLN A 100 9.89 -5.58 3.59
C GLN A 100 8.62 -4.96 3.03
N ALA A 101 7.48 -5.33 3.61
CA ALA A 101 6.20 -4.79 3.19
C ALA A 101 6.13 -3.29 3.42
N ILE A 102 6.54 -2.85 4.61
CA ILE A 102 6.52 -1.44 4.96
C ILE A 102 7.51 -0.64 4.11
N SER A 103 8.69 -1.22 3.90
CA SER A 103 9.71 -0.58 3.08
C SER A 103 9.23 -0.38 1.65
N THR A 104 8.52 -1.37 1.12
CA THR A 104 7.98 -1.30 -0.23
C THR A 104 6.86 -0.27 -0.31
N LEU A 105 6.02 -0.23 0.72
CA LEU A 105 4.95 0.77 0.80
C LEU A 105 5.52 2.17 0.79
N ARG A 106 6.57 2.39 1.56
CA ARG A 106 7.21 3.70 1.64
C ARG A 106 8.01 4.00 0.37
N LYS A 107 8.54 2.95 -0.25
CA LYS A 107 9.28 3.09 -1.49
C LYS A 107 8.41 3.69 -2.59
N MET A 108 7.23 3.12 -2.77
CA MET A 108 6.34 3.52 -3.86
C MET A 108 5.66 4.85 -3.55
N LEU A 109 5.62 5.20 -2.27
CA LEU A 109 5.00 6.45 -1.84
C LEU A 109 6.05 7.49 -1.48
N LYS A 110 7.31 7.16 -1.73
CA LYS A 110 8.40 8.11 -1.55
C LYS A 110 8.40 8.70 -0.14
N ASP A 111 8.12 7.84 0.85
CA ASP A 111 8.05 8.28 2.23
C ASP A 111 9.36 7.99 2.97
N SER A 112 10.05 9.05 3.35
CA SER A 112 11.27 8.92 4.15
C SER A 112 11.01 8.12 5.43
N THR A 113 11.90 7.19 5.73
CA THR A 113 11.73 6.30 6.88
C THR A 113 11.96 7.04 8.18
N LYS A 114 12.58 8.22 8.09
CA LYS A 114 12.84 9.04 9.27
C LYS A 114 11.73 10.07 9.47
N SER A 115 10.82 10.15 8.50
CA SER A 115 9.74 11.12 8.57
C SER A 115 8.45 10.55 7.95
N PRO A 116 7.70 9.81 8.76
CA PRO A 116 6.44 9.24 8.31
C PRO A 116 5.50 10.31 7.78
N GLN A 117 5.07 10.16 6.53
CA GLN A 117 4.14 11.09 5.92
C GLN A 117 2.96 10.36 5.30
N TYR A 118 3.23 9.18 4.75
CA TYR A 118 2.18 8.35 4.15
C TYR A 118 1.99 7.05 4.92
N VAL A 119 3.10 6.41 5.26
CA VAL A 119 3.07 5.11 5.92
C VAL A 119 3.72 5.17 7.30
N LYS A 120 2.97 4.76 8.31
CA LYS A 120 3.49 4.76 9.68
C LYS A 120 3.75 3.32 10.15
N THR A 121 4.93 3.12 10.72
CA THR A 121 5.28 1.83 11.30
C THR A 121 4.81 1.71 12.75
N VAL A 122 4.08 0.64 13.05
CA VAL A 122 3.59 0.40 14.39
C VAL A 122 4.46 -0.62 15.12
N PRO A 123 5.01 -0.21 16.25
CA PRO A 123 6.03 -1.00 16.94
C PRO A 123 5.53 -2.41 17.19
N LYS A 124 6.11 -3.38 16.48
CA LYS A 124 5.90 -4.78 16.78
C LYS A 124 4.43 -5.15 16.76
N ARG A 125 3.67 -4.48 15.90
CA ARG A 125 2.27 -4.82 15.68
C ARG A 125 1.96 -4.98 14.20
N GLY A 126 2.36 -3.99 13.41
CA GLY A 126 2.03 -3.96 11.99
C GLY A 126 2.28 -2.58 11.40
N TYR A 127 1.37 -2.13 10.53
CA TYR A 127 1.56 -0.90 9.78
C TYR A 127 0.24 -0.14 9.62
N GLN A 128 0.34 1.17 9.48
CA GLN A 128 -0.84 2.02 9.42
C GLN A 128 -0.70 3.09 8.34
N LEU A 129 -1.71 3.20 7.48
CA LEU A 129 -1.76 4.27 6.49
C LEU A 129 -2.23 5.58 7.12
N ILE A 130 -1.39 6.61 7.03
CA ILE A 130 -1.70 7.89 7.63
C ILE A 130 -1.92 8.96 6.57
N ALA A 131 -2.10 8.53 5.33
CA ALA A 131 -2.45 9.44 4.24
C ALA A 131 -3.96 9.45 4.00
N ARG A 132 -4.48 10.62 3.64
CA ARG A 132 -5.90 10.76 3.32
C ARG A 132 -6.27 9.95 2.08
N VAL A 133 -7.34 9.17 2.18
CA VAL A 133 -7.78 8.32 1.08
C VAL A 133 -9.14 8.74 0.56
N GLU A 134 -9.16 9.38 -0.60
CA GLU A 134 -10.41 9.70 -1.29
C GLU A 134 -10.79 8.62 -2.29
N THR A 135 -12.03 8.15 -2.21
CA THR A 135 -12.49 7.06 -3.06
C THR A 135 -12.97 7.57 -4.40
N VAL A 136 -12.41 7.01 -5.47
CA VAL A 136 -12.81 7.38 -6.82
C VAL A 136 -13.49 6.22 -7.54
N GLU A 137 -14.77 6.40 -7.86
CA GLU A 137 -15.55 5.37 -8.54
C GLU A 137 -15.48 5.53 -10.06
N GLU A 138 -15.68 4.43 -10.77
CA GLU A 138 -15.66 4.46 -12.23
C GLU A 138 -16.87 3.73 -12.80
N ILE A 26 -10.01 -5.22 -5.01
CA ILE A 26 -9.49 -4.25 -5.96
C ILE A 26 -10.58 -3.75 -6.91
N GLY A 27 -10.29 -2.68 -7.63
CA GLY A 27 -11.26 -2.08 -8.53
C GLY A 27 -11.63 -0.67 -8.09
N THR A 28 -11.39 -0.38 -6.81
CA THR A 28 -11.66 0.95 -6.28
C THR A 28 -10.41 1.82 -6.28
N LYS A 29 -10.47 2.94 -6.99
CA LYS A 29 -9.32 3.83 -7.11
C LYS A 29 -9.24 4.78 -5.93
N PHE A 30 -8.03 4.93 -5.38
CA PHE A 30 -7.83 5.71 -4.17
C PHE A 30 -6.92 6.90 -4.43
N ILE A 31 -7.08 7.96 -3.65
CA ILE A 31 -6.13 9.07 -3.64
C ILE A 31 -5.27 9.06 -2.39
N LEU A 32 -3.96 9.14 -2.58
CA LEU A 32 -3.03 9.12 -1.46
C LEU A 32 -2.54 10.54 -1.13
N ALA A 33 -3.14 11.13 -0.10
CA ALA A 33 -2.65 12.40 0.43
C ALA A 33 -2.72 13.49 -0.62
N GLU A 34 -3.62 13.34 -1.58
CA GLU A 34 -3.77 14.31 -2.66
C GLU A 34 -2.45 14.53 -3.38
N LYS A 35 -1.63 13.49 -3.44
CA LYS A 35 -0.35 13.56 -4.14
C LYS A 35 -0.25 12.48 -5.21
N PHE A 36 -0.73 11.29 -4.88
CA PHE A 36 -0.75 10.17 -5.82
C PHE A 36 -2.16 9.65 -6.02
N THR A 37 -2.39 9.02 -7.17
CA THR A 37 -3.62 8.26 -7.39
C THR A 37 -3.32 6.79 -7.63
N PHE A 38 -3.87 5.93 -6.77
CA PHE A 38 -3.58 4.50 -6.82
C PHE A 38 -4.73 3.72 -7.44
N ASP A 39 -4.42 2.95 -8.47
CA ASP A 39 -5.39 2.03 -9.06
C ASP A 39 -5.05 0.58 -8.74
N PRO A 40 -5.74 0.02 -7.76
CA PRO A 40 -5.49 -1.35 -7.34
C PRO A 40 -5.73 -2.34 -8.48
N LEU A 41 -6.66 -2.00 -9.36
CA LEU A 41 -7.07 -2.90 -10.43
C LEU A 41 -5.94 -3.13 -11.42
N SER A 42 -5.31 -2.04 -11.86
CA SER A 42 -4.18 -2.13 -12.77
C SER A 42 -2.87 -2.24 -12.01
N ASN A 43 -2.93 -2.04 -10.70
CA ASN A 43 -1.74 -2.13 -9.85
C ASN A 43 -0.75 -1.02 -10.18
N THR A 44 -1.25 0.19 -10.39
CA THR A 44 -0.42 1.31 -10.80
C THR A 44 -0.58 2.49 -9.85
N LEU A 45 0.48 3.28 -9.71
CA LEU A 45 0.45 4.47 -8.87
C LEU A 45 0.89 5.71 -9.65
N ILE A 46 -0.06 6.58 -9.94
CA ILE A 46 0.19 7.72 -10.82
C ILE A 46 0.35 9.01 -10.03
N ASP A 47 1.49 9.67 -10.20
CA ASP A 47 1.74 10.94 -9.54
C ASP A 47 0.81 12.03 -10.08
N LYS A 48 0.06 12.67 -9.18
CA LYS A 48 -0.90 13.69 -9.56
C LYS A 48 -0.19 14.94 -10.06
N GLU A 49 1.01 15.19 -9.54
CA GLU A 49 1.79 16.36 -9.93
C GLU A 49 2.47 16.16 -11.27
N ASP A 50 2.87 14.91 -11.55
CA ASP A 50 3.53 14.57 -12.79
C ASP A 50 2.91 13.34 -13.43
N SER A 51 2.04 13.55 -14.41
CA SER A 51 1.26 12.46 -15.00
C SER A 51 2.17 11.49 -15.73
N GLU A 52 3.37 11.94 -16.07
CA GLU A 52 4.35 11.10 -16.76
C GLU A 52 5.06 10.18 -15.79
N GLU A 53 5.03 10.52 -14.52
CA GLU A 53 5.65 9.72 -13.48
C GLU A 53 4.68 8.67 -12.92
N ILE A 54 4.84 7.44 -13.37
CA ILE A 54 3.95 6.36 -12.95
C ILE A 54 4.73 5.18 -12.40
N ILE A 55 4.40 4.78 -11.18
CA ILE A 55 5.08 3.64 -10.53
C ILE A 55 4.21 2.38 -10.60
N ARG A 56 4.79 1.31 -11.12
CA ARG A 56 4.09 0.04 -11.21
C ARG A 56 4.31 -0.80 -9.95
N LEU A 57 3.22 -1.27 -9.36
CA LEU A 57 3.29 -2.06 -8.13
C LEU A 57 3.21 -3.55 -8.44
N GLY A 58 3.86 -4.36 -7.60
CA GLY A 58 3.76 -5.80 -7.71
C GLY A 58 2.46 -6.31 -7.09
N SER A 59 2.27 -7.63 -7.13
CA SER A 59 1.05 -8.24 -6.62
C SER A 59 0.89 -8.00 -5.12
N ASN A 60 1.87 -8.43 -4.35
CA ASN A 60 1.82 -8.31 -2.89
C ASN A 60 1.87 -6.86 -2.46
N GLU A 61 2.63 -6.05 -3.18
CA GLU A 61 2.78 -4.63 -2.86
C GLU A 61 1.46 -3.89 -3.02
N SER A 62 0.76 -4.17 -4.11
CA SER A 62 -0.54 -3.56 -4.36
C SER A 62 -1.60 -4.10 -3.41
N ARG A 63 -1.42 -5.34 -2.98
CA ARG A 63 -2.28 -5.94 -1.96
C ARG A 63 -2.17 -5.19 -0.64
N ILE A 64 -0.94 -4.87 -0.24
CA ILE A 64 -0.70 -4.14 1.00
C ILE A 64 -1.29 -2.73 0.92
N LEU A 65 -1.01 -2.04 -0.18
CA LEU A 65 -1.45 -0.66 -0.34
C LEU A 65 -2.97 -0.56 -0.43
N TRP A 66 -3.58 -1.56 -1.05
CA TRP A 66 -5.03 -1.69 -1.06
C TRP A 66 -5.59 -1.81 0.35
N LEU A 67 -5.00 -2.70 1.13
CA LEU A 67 -5.39 -2.87 2.53
C LEU A 67 -5.27 -1.56 3.30
N LEU A 68 -4.17 -0.86 3.09
CA LEU A 68 -3.94 0.42 3.77
C LEU A 68 -5.02 1.43 3.44
N ALA A 69 -5.36 1.54 2.16
CA ALA A 69 -6.39 2.47 1.72
C ALA A 69 -7.78 1.96 2.05
N GLN A 70 -7.90 0.65 2.25
CA GLN A 70 -9.15 0.05 2.67
C GLN A 70 -9.40 0.28 4.16
N ARG A 71 -8.33 0.36 4.93
CA ARG A 71 -8.43 0.55 6.37
C ARG A 71 -7.49 1.66 6.84
N PRO A 72 -7.78 2.90 6.43
CA PRO A 72 -6.97 4.04 6.82
C PRO A 72 -7.24 4.44 8.28
N ASN A 73 -6.25 5.05 8.91
CA ASN A 73 -6.36 5.44 10.30
C ASN A 73 -6.68 4.25 11.20
N GLU A 74 -6.18 3.08 10.80
CA GLU A 74 -6.39 1.86 11.57
C GLU A 74 -5.23 0.89 11.41
N VAL A 75 -4.73 0.38 12.52
CA VAL A 75 -3.55 -0.48 12.52
C VAL A 75 -3.87 -1.86 11.96
N ILE A 76 -3.30 -2.16 10.80
CA ILE A 76 -3.46 -3.48 10.20
C ILE A 76 -2.35 -4.42 10.66
N SER A 77 -2.75 -5.55 11.24
CA SER A 77 -1.79 -6.51 11.79
C SER A 77 -1.04 -7.23 10.68
N ARG A 78 0.11 -7.80 11.02
CA ARG A 78 0.87 -8.62 10.08
C ARG A 78 0.16 -9.94 9.81
N ASN A 79 -0.67 -10.36 10.75
CA ASN A 79 -1.54 -11.52 10.55
C ASN A 79 -2.53 -11.28 9.42
N ASP A 80 -3.19 -10.14 9.45
CA ASP A 80 -4.09 -9.74 8.37
C ASP A 80 -3.34 -9.63 7.05
N LEU A 81 -2.17 -9.01 7.08
CA LEU A 81 -1.35 -8.84 5.88
C LEU A 81 -0.98 -10.19 5.28
N HIS A 82 -0.46 -11.09 6.12
CA HIS A 82 0.01 -12.38 5.66
C HIS A 82 -1.11 -13.17 4.99
N ASP A 83 -2.28 -13.18 5.62
CA ASP A 83 -3.40 -13.97 5.14
C ASP A 83 -3.92 -13.45 3.81
N PHE A 84 -3.94 -12.12 3.67
CA PHE A 84 -4.46 -11.50 2.46
C PHE A 84 -3.53 -11.72 1.28
N VAL A 85 -2.22 -11.62 1.53
CA VAL A 85 -1.23 -11.80 0.47
C VAL A 85 -0.91 -13.27 0.26
N TRP A 86 -1.48 -14.13 1.10
CA TRP A 86 -1.32 -15.57 0.96
C TRP A 86 0.14 -15.97 1.10
N ARG A 87 0.78 -15.49 2.17
CA ARG A 87 2.17 -15.86 2.46
C ARG A 87 2.30 -16.40 3.88
N GLU A 88 3.43 -17.04 4.15
CA GLU A 88 3.65 -17.68 5.43
C GLU A 88 3.69 -16.66 6.57
N GLN A 89 3.18 -17.05 7.73
CA GLN A 89 3.00 -16.12 8.83
C GLN A 89 4.27 -15.98 9.66
N GLY A 90 5.28 -15.35 9.07
CA GLY A 90 6.53 -15.07 9.79
C GLY A 90 7.72 -15.63 9.03
N PHE A 91 7.54 -16.77 8.37
CA PHE A 91 8.60 -17.40 7.60
C PHE A 91 8.95 -16.58 6.37
N GLU A 92 10.22 -16.19 6.27
CA GLU A 92 10.69 -15.41 5.13
C GLU A 92 10.83 -16.28 3.89
N VAL A 93 10.26 -15.81 2.78
CA VAL A 93 10.35 -16.54 1.52
C VAL A 93 11.10 -15.73 0.47
N ASP A 94 12.09 -16.37 -0.16
CA ASP A 94 12.98 -15.68 -1.08
C ASP A 94 12.25 -15.26 -2.35
N ASP A 95 11.37 -16.13 -2.83
CA ASP A 95 10.66 -15.88 -4.08
C ASP A 95 9.65 -14.74 -3.92
N SER A 96 8.85 -14.81 -2.86
CA SER A 96 7.85 -13.79 -2.60
C SER A 96 7.37 -13.85 -1.15
N SER A 97 7.37 -12.71 -0.49
CA SER A 97 7.03 -12.64 0.93
C SER A 97 6.45 -11.28 1.29
N LEU A 98 5.80 -11.21 2.45
CA LEU A 98 5.29 -9.94 2.97
C LEU A 98 6.43 -8.97 3.27
N THR A 99 7.52 -9.50 3.81
CA THR A 99 8.67 -8.67 4.15
C THR A 99 9.22 -7.96 2.92
N GLN A 100 9.38 -8.70 1.84
CA GLN A 100 9.86 -8.13 0.58
C GLN A 100 8.85 -7.11 0.03
N ALA A 101 7.57 -7.47 0.09
CA ALA A 101 6.52 -6.59 -0.42
C ALA A 101 6.51 -5.25 0.31
N ILE A 102 6.71 -5.30 1.63
CA ILE A 102 6.72 -4.10 2.44
C ILE A 102 7.95 -3.25 2.16
N SER A 103 9.11 -3.92 2.09
CA SER A 103 10.37 -3.21 1.90
C SER A 103 10.44 -2.56 0.53
N THR A 104 9.70 -3.12 -0.43
CA THR A 104 9.61 -2.54 -1.76
C THR A 104 8.57 -1.43 -1.81
N LEU A 105 7.39 -1.70 -1.26
CA LEU A 105 6.29 -0.75 -1.29
C LEU A 105 6.67 0.57 -0.63
N ARG A 106 7.40 0.47 0.48
CA ARG A 106 7.80 1.65 1.23
C ARG A 106 8.72 2.55 0.41
N LYS A 107 9.37 1.96 -0.58
CA LYS A 107 10.22 2.72 -1.50
C LYS A 107 9.42 3.33 -2.63
N MET A 108 8.42 2.59 -3.11
CA MET A 108 7.53 3.09 -4.16
C MET A 108 6.65 4.21 -3.63
N LEU A 109 6.37 4.18 -2.33
CA LEU A 109 5.59 5.23 -1.69
C LEU A 109 6.47 6.40 -1.29
N LYS A 110 7.78 6.24 -1.46
CA LYS A 110 8.73 7.27 -1.07
C LYS A 110 8.59 7.62 0.41
N ASP A 111 8.43 6.59 1.24
CA ASP A 111 8.19 6.79 2.66
C ASP A 111 9.07 5.87 3.50
N SER A 112 10.17 6.41 4.00
CA SER A 112 11.01 5.71 4.96
C SER A 112 10.31 5.55 6.29
N THR A 113 10.58 4.44 6.97
CA THR A 113 9.93 4.14 8.25
C THR A 113 10.42 5.08 9.34
N LYS A 114 11.52 5.77 9.07
CA LYS A 114 12.06 6.74 10.02
C LYS A 114 11.27 8.05 9.98
N SER A 115 10.55 8.26 8.88
CA SER A 115 9.77 9.48 8.70
C SER A 115 8.48 9.20 7.94
N PRO A 116 7.44 8.79 8.68
CA PRO A 116 6.14 8.51 8.09
C PRO A 116 5.62 9.73 7.32
N GLN A 117 5.22 9.50 6.07
CA GLN A 117 4.63 10.56 5.26
C GLN A 117 3.28 10.13 4.69
N TYR A 118 3.19 8.86 4.27
CA TYR A 118 1.94 8.32 3.78
C TYR A 118 1.44 7.19 4.67
N VAL A 119 2.36 6.36 5.15
CA VAL A 119 2.01 5.26 6.04
C VAL A 119 2.97 5.18 7.21
N LYS A 120 2.42 4.95 8.40
CA LYS A 120 3.21 4.89 9.62
C LYS A 120 3.32 3.46 10.12
N THR A 121 4.55 3.03 10.43
CA THR A 121 4.77 1.73 11.05
C THR A 121 4.63 1.81 12.56
N VAL A 122 3.76 0.96 13.12
CA VAL A 122 3.55 0.92 14.55
C VAL A 122 4.23 -0.28 15.18
N PRO A 123 5.21 -0.02 16.05
CA PRO A 123 6.05 -1.07 16.61
C PRO A 123 5.20 -2.15 17.26
N LYS A 124 5.33 -3.39 16.77
CA LYS A 124 4.76 -4.54 17.45
C LYS A 124 3.24 -4.47 17.46
N ARG A 125 2.68 -3.75 16.50
CA ARG A 125 1.23 -3.67 16.34
C ARG A 125 0.81 -3.95 14.90
N GLY A 126 1.53 -3.33 13.97
CA GLY A 126 1.21 -3.45 12.55
C GLY A 126 1.48 -2.15 11.81
N TYR A 127 0.78 -1.95 10.69
CA TYR A 127 0.98 -0.76 9.87
C TYR A 127 -0.31 0.03 9.72
N GLN A 128 -0.19 1.36 9.74
CA GLN A 128 -1.36 2.23 9.71
C GLN A 128 -1.17 3.36 8.70
N LEU A 129 -2.04 3.40 7.70
CA LEU A 129 -2.00 4.46 6.69
C LEU A 129 -2.43 5.79 7.29
N ILE A 130 -1.62 6.83 7.07
CA ILE A 130 -1.89 8.15 7.63
C ILE A 130 -2.20 9.15 6.52
N ALA A 131 -2.00 8.74 5.28
CA ALA A 131 -2.37 9.57 4.13
C ALA A 131 -3.88 9.71 4.02
N ARG A 132 -4.33 10.90 3.65
CA ARG A 132 -5.73 11.13 3.33
C ARG A 132 -6.19 10.22 2.19
N VAL A 133 -7.34 9.58 2.38
CA VAL A 133 -7.87 8.64 1.39
C VAL A 133 -9.19 9.13 0.82
N GLU A 134 -9.22 9.36 -0.50
CA GLU A 134 -10.46 9.67 -1.19
C GLU A 134 -10.70 8.70 -2.34
N THR A 135 -11.97 8.50 -2.68
CA THR A 135 -12.35 7.56 -3.73
C THR A 135 -12.48 8.28 -5.07
N VAL A 136 -11.78 7.76 -6.08
CA VAL A 136 -11.86 8.30 -7.42
C VAL A 136 -12.95 7.61 -8.24
N GLU A 137 -12.89 6.28 -8.29
CA GLU A 137 -13.83 5.51 -9.08
C GLU A 137 -14.13 4.17 -8.41
N GLU A 138 -15.41 3.81 -8.36
CA GLU A 138 -15.85 2.60 -7.71
C GLU A 138 -17.15 2.07 -8.31
N ILE A 26 -11.77 -5.50 -4.58
CA ILE A 26 -10.59 -4.85 -5.13
C ILE A 26 -10.88 -4.22 -6.48
N GLY A 27 -10.42 -2.99 -6.67
CA GLY A 27 -10.61 -2.29 -7.93
C GLY A 27 -11.07 -0.85 -7.69
N THR A 28 -11.31 -0.52 -6.43
CA THR A 28 -11.73 0.83 -6.06
C THR A 28 -10.54 1.79 -6.02
N LYS A 29 -10.61 2.85 -6.81
CA LYS A 29 -9.50 3.78 -6.95
C LYS A 29 -9.37 4.67 -5.71
N PHE A 30 -8.15 4.83 -5.23
CA PHE A 30 -7.89 5.63 -4.04
C PHE A 30 -6.96 6.79 -4.33
N ILE A 31 -7.14 7.89 -3.61
CA ILE A 31 -6.17 8.99 -3.62
C ILE A 31 -5.26 8.94 -2.41
N LEU A 32 -3.96 8.88 -2.67
CA LEU A 32 -2.98 8.77 -1.59
C LEU A 32 -2.38 10.13 -1.25
N ALA A 33 -2.95 10.77 -0.24
CA ALA A 33 -2.36 11.99 0.32
C ALA A 33 -2.34 13.11 -0.71
N GLU A 34 -3.19 13.00 -1.73
CA GLU A 34 -3.20 13.96 -2.82
C GLU A 34 -1.82 14.07 -3.47
N LYS A 35 -1.09 12.96 -3.47
CA LYS A 35 0.21 12.91 -4.12
C LYS A 35 0.29 11.75 -5.12
N PHE A 36 -0.44 10.69 -4.83
CA PHE A 36 -0.52 9.55 -5.75
C PHE A 36 -1.97 9.15 -6.01
N THR A 37 -2.19 8.51 -7.15
CA THR A 37 -3.49 7.91 -7.44
C THR A 37 -3.35 6.41 -7.69
N PHE A 38 -4.00 5.62 -6.84
CA PHE A 38 -3.85 4.17 -6.88
C PHE A 38 -5.06 3.51 -7.55
N ASP A 39 -4.80 2.76 -8.62
CA ASP A 39 -5.83 1.92 -9.21
C ASP A 39 -5.55 0.44 -8.97
N PRO A 40 -6.28 -0.13 -8.01
CA PRO A 40 -6.08 -1.53 -7.64
C PRO A 40 -6.37 -2.46 -8.81
N LEU A 41 -7.30 -2.04 -9.67
CA LEU A 41 -7.74 -2.88 -10.77
C LEU A 41 -6.62 -3.10 -11.79
N SER A 42 -5.96 -2.01 -12.18
CA SER A 42 -4.84 -2.08 -13.09
C SER A 42 -3.54 -2.37 -12.34
N ASN A 43 -3.58 -2.23 -11.03
CA ASN A 43 -2.41 -2.47 -10.19
C ASN A 43 -1.30 -1.47 -10.49
N THR A 44 -1.69 -0.20 -10.60
CA THR A 44 -0.73 0.86 -10.92
C THR A 44 -0.87 2.04 -9.97
N LEU A 45 0.23 2.73 -9.73
CA LEU A 45 0.22 3.93 -8.89
C LEU A 45 0.78 5.13 -9.65
N ILE A 46 -0.09 6.09 -9.95
CA ILE A 46 0.30 7.24 -10.75
C ILE A 46 0.70 8.41 -9.87
N ASP A 47 1.90 8.94 -10.08
CA ASP A 47 2.37 10.10 -9.34
C ASP A 47 1.70 11.37 -9.83
N LYS A 48 0.99 12.06 -8.93
CA LYS A 48 0.28 13.27 -9.28
C LYS A 48 1.24 14.37 -9.69
N GLU A 49 2.40 14.41 -9.05
CA GLU A 49 3.37 15.47 -9.28
C GLU A 49 4.26 15.16 -10.49
N ASP A 50 4.09 13.97 -11.04
CA ASP A 50 4.85 13.56 -12.21
C ASP A 50 4.11 12.50 -13.02
N SER A 51 3.35 12.96 -14.02
CA SER A 51 2.47 12.08 -14.77
C SER A 51 3.27 11.05 -15.55
N GLU A 52 4.55 11.34 -15.77
CA GLU A 52 5.45 10.41 -16.45
C GLU A 52 5.85 9.25 -15.54
N GLU A 53 5.81 9.50 -14.24
CA GLU A 53 6.17 8.49 -13.26
C GLU A 53 4.95 7.67 -12.83
N ILE A 54 4.81 6.48 -13.42
CA ILE A 54 3.76 5.56 -13.03
C ILE A 54 4.31 4.22 -12.59
N ILE A 55 4.09 3.88 -11.33
CA ILE A 55 4.65 2.66 -10.75
C ILE A 55 3.74 1.46 -10.97
N ARG A 56 4.21 0.53 -11.80
CA ARG A 56 3.48 -0.71 -12.04
C ARG A 56 3.74 -1.73 -10.93
N LEU A 57 2.69 -2.11 -10.22
CA LEU A 57 2.82 -2.98 -9.06
C LEU A 57 2.46 -4.42 -9.41
N GLY A 58 3.11 -5.37 -8.73
CA GLY A 58 2.74 -6.78 -8.84
C GLY A 58 1.55 -7.11 -7.95
N SER A 59 1.21 -8.39 -7.86
CA SER A 59 0.07 -8.83 -7.09
C SER A 59 0.22 -8.44 -5.62
N ASN A 60 1.31 -8.90 -5.00
CA ASN A 60 1.56 -8.65 -3.59
C ASN A 60 1.80 -7.17 -3.32
N GLU A 61 2.44 -6.50 -4.27
CA GLU A 61 2.79 -5.10 -4.11
C GLU A 61 1.55 -4.21 -4.10
N SER A 62 0.57 -4.58 -4.92
CA SER A 62 -0.69 -3.84 -4.96
C SER A 62 -1.64 -4.31 -3.87
N ARG A 63 -1.41 -5.52 -3.37
CA ARG A 63 -2.24 -6.07 -2.30
C ARG A 63 -1.96 -5.37 -0.98
N ILE A 64 -0.69 -5.12 -0.69
CA ILE A 64 -0.29 -4.48 0.56
C ILE A 64 -0.64 -3.01 0.56
N LEU A 65 -0.75 -2.42 -0.63
CA LEU A 65 -1.16 -1.03 -0.77
C LEU A 65 -2.68 -0.89 -0.66
N TRP A 66 -3.40 -1.78 -1.34
CA TRP A 66 -4.85 -1.81 -1.25
C TRP A 66 -5.31 -2.03 0.19
N LEU A 67 -4.67 -2.97 0.87
CA LEU A 67 -4.96 -3.23 2.27
C LEU A 67 -4.94 -1.94 3.09
N LEU A 68 -3.84 -1.21 3.01
CA LEU A 68 -3.68 0.03 3.74
C LEU A 68 -4.76 1.04 3.34
N ALA A 69 -4.98 1.17 2.04
CA ALA A 69 -5.92 2.17 1.52
C ALA A 69 -7.36 1.76 1.77
N GLN A 70 -7.56 0.48 2.07
CA GLN A 70 -8.89 -0.02 2.41
C GLN A 70 -9.28 0.37 3.83
N ARG A 71 -8.29 0.46 4.71
CA ARG A 71 -8.54 0.82 6.10
C ARG A 71 -7.58 1.91 6.57
N PRO A 72 -7.77 3.11 6.04
CA PRO A 72 -6.96 4.27 6.43
C PRO A 72 -7.31 4.73 7.84
N ASN A 73 -6.31 5.24 8.55
CA ASN A 73 -6.52 5.74 9.91
C ASN A 73 -6.91 4.62 10.85
N GLU A 74 -6.57 3.39 10.47
CA GLU A 74 -6.84 2.23 11.32
C GLU A 74 -5.62 1.33 11.42
N VAL A 75 -5.39 0.77 12.60
CA VAL A 75 -4.26 -0.12 12.83
C VAL A 75 -4.54 -1.52 12.30
N ILE A 76 -3.79 -1.92 11.27
CA ILE A 76 -3.97 -3.22 10.66
C ILE A 76 -2.95 -4.23 11.19
N SER A 77 -3.45 -5.33 11.74
CA SER A 77 -2.59 -6.33 12.37
C SER A 77 -1.55 -6.86 11.39
N ARG A 78 -0.32 -7.00 11.86
CA ARG A 78 0.76 -7.52 11.04
C ARG A 78 0.41 -8.90 10.49
N ASN A 79 -0.29 -9.70 11.29
CA ASN A 79 -0.71 -11.03 10.88
C ASN A 79 -1.65 -10.96 9.68
N ASP A 80 -2.46 -9.91 9.65
CA ASP A 80 -3.35 -9.67 8.50
C ASP A 80 -2.57 -9.21 7.28
N LEU A 81 -1.59 -8.33 7.51
CA LEU A 81 -0.72 -7.86 6.43
C LEU A 81 -0.04 -9.03 5.72
N HIS A 82 0.35 -10.04 6.49
CA HIS A 82 1.04 -11.20 5.93
C HIS A 82 0.22 -11.85 4.83
N ASP A 83 -1.11 -11.75 4.95
CA ASP A 83 -2.01 -12.38 3.98
C ASP A 83 -2.03 -11.60 2.67
N PHE A 84 -1.43 -10.42 2.67
CA PHE A 84 -1.32 -9.62 1.45
C PHE A 84 0.12 -9.51 1.00
N VAL A 85 1.06 -9.78 1.90
CA VAL A 85 2.47 -9.84 1.55
C VAL A 85 2.79 -11.12 0.79
N TRP A 86 2.13 -12.20 1.16
CA TRP A 86 2.25 -13.46 0.43
C TRP A 86 0.89 -13.98 -0.01
N ARG A 87 0.89 -14.94 -0.93
CA ARG A 87 -0.34 -15.55 -1.42
C ARG A 87 -0.77 -16.71 -0.54
N GLU A 88 -2.04 -17.09 -0.63
CA GLU A 88 -2.57 -18.20 0.14
C GLU A 88 -2.12 -19.54 -0.44
N GLN A 89 -2.40 -20.61 0.30
CA GLN A 89 -1.91 -21.93 -0.07
C GLN A 89 -2.53 -22.40 -1.38
N GLY A 90 -3.67 -21.82 -1.73
CA GLY A 90 -4.39 -22.20 -2.95
C GLY A 90 -3.86 -21.43 -4.15
N PHE A 91 -2.90 -20.54 -3.91
CA PHE A 91 -2.32 -19.74 -4.98
C PHE A 91 -0.80 -19.84 -4.97
N GLU A 92 -0.19 -19.60 -6.13
CA GLU A 92 1.26 -19.57 -6.24
C GLU A 92 1.84 -18.30 -5.60
N VAL A 93 2.68 -18.50 -4.59
CA VAL A 93 3.26 -17.37 -3.86
C VAL A 93 4.41 -16.74 -4.64
N ASP A 94 4.28 -15.44 -4.91
CA ASP A 94 5.31 -14.71 -5.64
C ASP A 94 6.55 -14.50 -4.77
N ASP A 95 7.71 -14.46 -5.41
CA ASP A 95 8.97 -14.27 -4.69
C ASP A 95 9.02 -12.91 -4.01
N SER A 96 8.78 -12.91 -2.70
CA SER A 96 8.62 -11.66 -1.95
C SER A 96 8.73 -11.90 -0.46
N SER A 97 8.82 -10.82 0.31
CA SER A 97 8.98 -10.92 1.75
C SER A 97 8.35 -9.72 2.45
N LEU A 98 8.24 -9.79 3.78
CA LEU A 98 7.73 -8.68 4.57
C LEU A 98 8.68 -7.48 4.49
N THR A 99 9.97 -7.74 4.59
CA THR A 99 10.97 -6.68 4.45
C THR A 99 10.91 -6.04 3.08
N GLN A 100 10.70 -6.85 2.05
CA GLN A 100 10.54 -6.35 0.69
C GLN A 100 9.28 -5.51 0.56
N ALA A 101 8.21 -5.95 1.21
CA ALA A 101 6.96 -5.21 1.21
C ALA A 101 7.12 -3.84 1.88
N ILE A 102 7.89 -3.81 2.96
CA ILE A 102 8.17 -2.57 3.67
C ILE A 102 8.96 -1.61 2.79
N SER A 103 10.02 -2.11 2.16
CA SER A 103 10.84 -1.30 1.28
C SER A 103 10.05 -0.84 0.06
N THR A 104 9.17 -1.69 -0.42
CA THR A 104 8.30 -1.34 -1.54
C THR A 104 7.43 -0.15 -1.21
N LEU A 105 6.76 -0.21 -0.06
CA LEU A 105 5.87 0.85 0.37
C LEU A 105 6.62 2.17 0.55
N ARG A 106 7.80 2.09 1.16
CA ARG A 106 8.58 3.28 1.48
C ARG A 106 9.06 3.97 0.21
N LYS A 107 9.65 3.20 -0.69
CA LYS A 107 10.24 3.75 -1.91
C LYS A 107 9.16 4.15 -2.91
N MET A 108 8.08 3.38 -2.94
CA MET A 108 6.97 3.66 -3.86
C MET A 108 6.29 4.97 -3.51
N LEU A 109 5.92 5.14 -2.25
CA LEU A 109 5.19 6.32 -1.81
C LEU A 109 6.14 7.46 -1.48
N LYS A 110 7.43 7.19 -1.58
CA LYS A 110 8.45 8.19 -1.28
C LYS A 110 8.33 8.67 0.17
N ASP A 111 8.13 7.73 1.08
CA ASP A 111 7.86 8.07 2.48
C ASP A 111 9.15 8.15 3.27
N SER A 112 9.41 9.33 3.86
CA SER A 112 10.58 9.52 4.70
C SER A 112 10.62 8.51 5.83
N THR A 113 11.81 7.99 6.12
CA THR A 113 11.98 7.00 7.18
C THR A 113 12.17 7.67 8.53
N LYS A 114 12.53 8.95 8.51
CA LYS A 114 12.71 9.71 9.75
C LYS A 114 11.38 10.24 10.26
N SER A 115 10.48 10.56 9.33
CA SER A 115 9.15 11.06 9.69
C SER A 115 8.08 10.45 8.78
N PRO A 116 7.27 9.57 9.36
CA PRO A 116 6.21 8.91 8.59
C PRO A 116 5.31 9.93 7.90
N GLN A 117 5.22 9.82 6.58
CA GLN A 117 4.37 10.71 5.79
C GLN A 117 3.15 9.97 5.26
N TYR A 118 3.32 8.69 4.99
CA TYR A 118 2.24 7.88 4.42
C TYR A 118 1.87 6.72 5.34
N VAL A 119 2.87 5.95 5.74
CA VAL A 119 2.64 4.77 6.56
C VAL A 119 3.40 4.86 7.88
N LYS A 120 2.69 4.66 8.99
CA LYS A 120 3.30 4.68 10.31
C LYS A 120 3.25 3.31 10.98
N THR A 121 4.40 2.84 11.45
CA THR A 121 4.49 1.53 12.08
C THR A 121 3.96 1.59 13.51
N VAL A 122 3.13 0.60 13.86
CA VAL A 122 2.60 0.50 15.22
C VAL A 122 3.29 -0.61 16.00
N PRO A 123 3.99 -0.23 17.06
CA PRO A 123 4.84 -1.17 17.79
C PRO A 123 4.04 -2.39 18.24
N LYS A 124 4.44 -3.56 17.78
CA LYS A 124 3.95 -4.82 18.33
C LYS A 124 2.47 -4.99 18.06
N ARG A 125 1.97 -4.31 17.02
CA ARG A 125 0.59 -4.49 16.59
C ARG A 125 0.51 -4.73 15.09
N GLY A 126 1.18 -3.87 14.32
CA GLY A 126 1.06 -3.90 12.87
C GLY A 126 1.39 -2.53 12.27
N TYR A 127 0.66 -2.16 11.22
CA TYR A 127 0.92 -0.93 10.50
C TYR A 127 -0.34 -0.10 10.33
N GLN A 128 -0.18 1.22 10.32
CA GLN A 128 -1.32 2.13 10.18
C GLN A 128 -1.06 3.17 9.10
N LEU A 129 -1.91 3.17 8.07
CA LEU A 129 -1.84 4.18 7.03
C LEU A 129 -2.33 5.53 7.54
N ILE A 130 -1.48 6.54 7.43
CA ILE A 130 -1.81 7.88 7.92
C ILE A 130 -1.97 8.87 6.78
N ALA A 131 -1.96 8.35 5.55
CA ALA A 131 -2.18 9.17 4.37
C ALA A 131 -3.65 9.53 4.21
N ARG A 132 -3.92 10.74 3.71
CA ARG A 132 -5.27 11.15 3.37
C ARG A 132 -5.82 10.32 2.21
N VAL A 133 -6.72 9.39 2.53
CA VAL A 133 -7.27 8.48 1.53
C VAL A 133 -8.72 8.84 1.20
N GLU A 134 -8.99 9.09 -0.07
CA GLU A 134 -10.34 9.34 -0.52
C GLU A 134 -10.70 8.48 -1.73
N THR A 135 -11.97 8.12 -1.85
CA THR A 135 -12.43 7.24 -2.92
C THR A 135 -12.71 8.01 -4.20
N VAL A 136 -12.17 7.53 -5.31
CA VAL A 136 -12.43 8.12 -6.61
C VAL A 136 -13.62 7.47 -7.28
N GLU A 137 -13.52 6.16 -7.54
CA GLU A 137 -14.60 5.42 -8.16
C GLU A 137 -14.38 3.91 -8.03
N GLU A 138 -15.45 3.15 -8.18
CA GLU A 138 -15.39 1.69 -8.04
C GLU A 138 -15.33 1.01 -9.40
N ILE A 26 -13.46 -0.97 -16.73
CA ILE A 26 -12.25 -1.09 -15.93
C ILE A 26 -11.44 0.20 -15.93
N GLY A 27 -10.31 0.19 -15.25
CA GLY A 27 -9.44 1.36 -15.19
C GLY A 27 -9.88 2.32 -14.10
N THR A 28 -10.39 1.76 -13.00
CA THR A 28 -10.85 2.57 -11.88
C THR A 28 -9.70 3.38 -11.28
N LYS A 29 -9.99 4.64 -10.95
CA LYS A 29 -8.97 5.55 -10.43
C LYS A 29 -9.34 6.05 -9.04
N PHE A 30 -8.35 6.10 -8.15
CA PHE A 30 -8.53 6.68 -6.83
C PHE A 30 -7.44 7.68 -6.52
N ILE A 31 -7.77 8.67 -5.69
CA ILE A 31 -6.77 9.56 -5.12
C ILE A 31 -6.10 8.95 -3.89
N LEU A 32 -4.77 8.87 -3.93
CA LEU A 32 -4.02 8.26 -2.85
C LEU A 32 -3.16 9.27 -2.12
N ALA A 33 -3.49 9.53 -0.86
CA ALA A 33 -2.68 10.40 -0.01
C ALA A 33 -2.67 11.83 -0.54
N GLU A 34 -3.65 12.15 -1.38
CA GLU A 34 -3.73 13.47 -2.00
C GLU A 34 -2.42 13.84 -2.68
N LYS A 35 -1.70 12.83 -3.14
CA LYS A 35 -0.39 13.04 -3.76
C LYS A 35 -0.22 12.17 -4.99
N PHE A 36 -0.86 11.01 -4.99
CA PHE A 36 -0.69 10.04 -6.06
C PHE A 36 -2.03 9.67 -6.69
N THR A 37 -1.98 9.25 -7.95
CA THR A 37 -3.13 8.60 -8.58
C THR A 37 -2.95 7.09 -8.62
N PHE A 38 -3.84 6.38 -7.92
CA PHE A 38 -3.69 4.94 -7.73
C PHE A 38 -4.79 4.17 -8.46
N ASP A 39 -4.38 3.18 -9.24
CA ASP A 39 -5.33 2.30 -9.92
C ASP A 39 -5.15 0.86 -9.47
N PRO A 40 -5.98 0.42 -8.53
CA PRO A 40 -5.90 -0.93 -7.99
C PRO A 40 -6.06 -1.97 -9.09
N LEU A 41 -6.89 -1.67 -10.07
CA LEU A 41 -7.24 -2.63 -11.10
C LEU A 41 -6.06 -2.92 -12.02
N SER A 42 -5.45 -1.87 -12.53
CA SER A 42 -4.32 -2.01 -13.45
C SER A 42 -3.01 -2.19 -12.71
N ASN A 43 -3.05 -1.99 -11.40
CA ASN A 43 -1.87 -2.19 -10.57
C ASN A 43 -0.80 -1.14 -10.87
N THR A 44 -1.24 0.11 -10.99
CA THR A 44 -0.33 1.21 -11.32
C THR A 44 -0.46 2.35 -10.33
N LEU A 45 0.64 3.07 -10.12
CA LEU A 45 0.63 4.22 -9.21
C LEU A 45 1.48 5.37 -9.78
N ILE A 46 0.82 6.48 -10.08
CA ILE A 46 1.47 7.61 -10.73
C ILE A 46 1.43 8.85 -9.86
N ASP A 47 2.62 9.39 -9.56
CA ASP A 47 2.72 10.58 -8.72
C ASP A 47 2.19 11.81 -9.43
N LYS A 48 1.36 12.57 -8.75
CA LYS A 48 0.80 13.80 -9.30
C LYS A 48 1.88 14.84 -9.56
N GLU A 49 2.94 14.80 -8.74
CA GLU A 49 4.04 15.74 -8.88
C GLU A 49 4.86 15.45 -10.14
N ASP A 50 4.90 14.18 -10.53
CA ASP A 50 5.70 13.76 -11.68
C ASP A 50 4.95 12.71 -12.50
N SER A 51 4.20 13.15 -13.49
CA SER A 51 3.36 12.26 -14.28
C SER A 51 4.20 11.29 -15.09
N GLU A 52 5.47 11.63 -15.30
CA GLU A 52 6.39 10.77 -16.04
C GLU A 52 6.86 9.60 -15.18
N GLU A 53 6.76 9.76 -13.86
CA GLU A 53 7.14 8.71 -12.94
C GLU A 53 5.98 7.74 -12.71
N ILE A 54 6.07 6.56 -13.30
CA ILE A 54 5.00 5.57 -13.21
C ILE A 54 5.48 4.34 -12.45
N ILE A 55 4.86 4.10 -11.29
CA ILE A 55 5.20 2.94 -10.47
C ILE A 55 4.35 1.73 -10.86
N ARG A 56 5.03 0.63 -11.18
CA ARG A 56 4.35 -0.61 -11.52
C ARG A 56 4.28 -1.56 -10.33
N LEU A 57 3.06 -1.93 -9.95
CA LEU A 57 2.85 -2.75 -8.76
C LEU A 57 2.36 -4.14 -9.13
N GLY A 58 2.58 -5.10 -8.26
CA GLY A 58 1.99 -6.43 -8.40
C GLY A 58 0.53 -6.43 -7.96
N SER A 59 -0.19 -7.49 -8.31
CA SER A 59 -1.59 -7.62 -7.95
C SER A 59 -1.76 -7.74 -6.44
N ASN A 60 -0.87 -8.48 -5.80
CA ASN A 60 -0.92 -8.69 -4.36
C ASN A 60 -0.43 -7.46 -3.62
N GLU A 61 0.49 -6.72 -4.23
CA GLU A 61 1.00 -5.48 -3.66
C GLU A 61 -0.08 -4.41 -3.63
N SER A 62 -0.85 -4.33 -4.70
CA SER A 62 -1.95 -3.38 -4.79
C SER A 62 -3.09 -3.77 -3.86
N ARG A 63 -3.28 -5.08 -3.68
CA ARG A 63 -4.28 -5.60 -2.76
C ARG A 63 -3.91 -5.27 -1.32
N ILE A 64 -2.63 -5.42 -0.99
CA ILE A 64 -2.14 -5.10 0.34
C ILE A 64 -2.34 -3.62 0.66
N LEU A 65 -1.95 -2.76 -0.27
CA LEU A 65 -2.11 -1.32 -0.11
C LEU A 65 -3.58 -0.97 0.14
N TRP A 66 -4.46 -1.51 -0.69
CA TRP A 66 -5.90 -1.31 -0.51
C TRP A 66 -6.35 -1.72 0.89
N LEU A 67 -5.92 -2.91 1.31
CA LEU A 67 -6.31 -3.44 2.61
C LEU A 67 -5.79 -2.55 3.74
N LEU A 68 -4.60 -1.99 3.54
CA LEU A 68 -4.00 -1.10 4.53
C LEU A 68 -4.83 0.16 4.71
N ALA A 69 -5.54 0.55 3.66
CA ALA A 69 -6.37 1.76 3.69
C ALA A 69 -7.73 1.48 4.29
N GLN A 70 -8.00 0.21 4.60
CA GLN A 70 -9.27 -0.18 5.18
C GLN A 70 -9.25 -0.02 6.70
N ARG A 71 -8.07 0.21 7.25
CA ARG A 71 -7.92 0.45 8.69
C ARG A 71 -7.00 1.63 8.96
N PRO A 72 -7.48 2.83 8.63
CA PRO A 72 -6.67 4.04 8.78
C PRO A 72 -6.64 4.50 10.24
N ASN A 73 -7.61 4.02 11.01
CA ASN A 73 -7.74 4.45 12.40
C ASN A 73 -7.16 3.42 13.37
N GLU A 74 -6.61 2.35 12.80
CA GLU A 74 -6.03 1.29 13.61
C GLU A 74 -4.63 0.94 13.13
N VAL A 75 -3.77 0.50 14.06
CA VAL A 75 -2.44 0.02 13.70
C VAL A 75 -2.49 -1.41 13.17
N ILE A 76 -1.97 -1.61 11.97
CA ILE A 76 -2.03 -2.91 11.31
C ILE A 76 -0.74 -3.69 11.53
N SER A 77 -0.83 -4.80 12.24
CA SER A 77 0.35 -5.51 12.74
C SER A 77 1.11 -6.15 11.60
N ARG A 78 2.36 -6.53 11.87
CA ARG A 78 3.15 -7.31 10.92
C ARG A 78 2.58 -8.71 10.73
N ASN A 79 1.85 -9.18 11.74
CA ASN A 79 1.10 -10.43 11.61
C ASN A 79 -0.05 -10.28 10.63
N ASP A 80 -0.68 -9.11 10.63
CA ASP A 80 -1.71 -8.79 9.65
C ASP A 80 -1.12 -8.71 8.23
N LEU A 81 0.05 -8.09 8.12
CA LEU A 81 0.75 -8.03 6.85
C LEU A 81 1.09 -9.43 6.34
N HIS A 82 1.46 -10.32 7.25
CA HIS A 82 1.67 -11.72 6.91
C HIS A 82 0.37 -12.37 6.44
N ASP A 83 -0.71 -12.12 7.18
CA ASP A 83 -2.00 -12.71 6.87
C ASP A 83 -2.48 -12.28 5.49
N PHE A 84 -2.08 -11.08 5.07
CA PHE A 84 -2.49 -10.54 3.78
C PHE A 84 -2.02 -11.44 2.65
N VAL A 85 -0.91 -12.14 2.86
CA VAL A 85 -0.32 -12.99 1.84
C VAL A 85 -0.39 -14.46 2.24
N TRP A 86 -0.68 -14.71 3.51
CA TRP A 86 -0.74 -16.07 4.04
C TRP A 86 -2.13 -16.67 3.88
N ARG A 87 -3.15 -15.82 3.97
CA ARG A 87 -4.53 -16.27 3.91
C ARG A 87 -4.91 -16.69 2.49
N GLU A 88 -6.07 -17.31 2.35
CA GLU A 88 -6.51 -17.83 1.07
C GLU A 88 -5.48 -18.78 0.47
N GLN A 89 -5.36 -18.76 -0.85
CA GLN A 89 -4.44 -19.66 -1.55
C GLN A 89 -3.33 -18.88 -2.23
N GLY A 90 -2.32 -19.60 -2.72
CA GLY A 90 -1.21 -18.99 -3.43
C GLY A 90 -1.60 -18.65 -4.87
N PHE A 91 -0.73 -17.92 -5.55
CA PHE A 91 -1.01 -17.48 -6.92
C PHE A 91 0.16 -17.78 -7.85
N GLU A 92 -0.10 -17.78 -9.15
CA GLU A 92 0.95 -17.96 -10.15
C GLU A 92 1.82 -16.71 -10.27
N VAL A 93 1.34 -15.61 -9.69
CA VAL A 93 2.09 -14.36 -9.67
C VAL A 93 2.81 -14.16 -8.34
N ASP A 94 3.61 -13.11 -8.27
CA ASP A 94 4.35 -12.79 -7.05
C ASP A 94 3.40 -12.63 -5.86
N ASP A 95 3.56 -13.48 -4.86
CA ASP A 95 2.67 -13.49 -3.71
C ASP A 95 3.14 -12.50 -2.64
N SER A 96 4.24 -11.81 -2.93
CA SER A 96 4.76 -10.78 -2.04
C SER A 96 5.21 -11.37 -0.71
N SER A 97 5.40 -10.52 0.28
CA SER A 97 5.85 -10.96 1.60
C SER A 97 5.69 -9.85 2.63
N LEU A 98 6.07 -10.14 3.87
CA LEU A 98 6.09 -9.14 4.93
C LEU A 98 7.08 -8.03 4.61
N THR A 99 8.31 -8.40 4.30
CA THR A 99 9.34 -7.43 3.96
C THR A 99 9.01 -6.68 2.68
N GLN A 100 8.46 -7.40 1.71
CA GLN A 100 8.09 -6.81 0.43
C GLN A 100 6.96 -5.79 0.62
N ALA A 101 5.99 -6.13 1.45
CA ALA A 101 4.87 -5.25 1.73
C ALA A 101 5.33 -3.97 2.42
N ILE A 102 6.20 -4.12 3.42
CA ILE A 102 6.68 -2.98 4.19
C ILE A 102 7.51 -2.04 3.33
N SER A 103 8.47 -2.60 2.60
CA SER A 103 9.35 -1.81 1.76
C SER A 103 8.58 -1.11 0.65
N THR A 104 7.76 -1.87 -0.06
CA THR A 104 6.97 -1.33 -1.16
C THR A 104 6.04 -0.23 -0.68
N LEU A 105 5.41 -0.45 0.47
CA LEU A 105 4.53 0.55 1.06
C LEU A 105 5.23 1.88 1.22
N ARG A 106 6.42 1.86 1.78
CA ARG A 106 7.19 3.08 2.00
C ARG A 106 7.61 3.72 0.68
N LYS A 107 7.93 2.89 -0.30
CA LYS A 107 8.39 3.38 -1.59
C LYS A 107 7.26 4.05 -2.35
N MET A 108 6.07 3.45 -2.31
CA MET A 108 4.94 3.91 -3.11
C MET A 108 4.58 5.34 -2.78
N LEU A 109 4.63 5.68 -1.50
CA LEU A 109 4.24 7.02 -1.04
C LEU A 109 5.45 7.89 -0.78
N LYS A 110 6.63 7.37 -1.11
CA LYS A 110 7.88 8.07 -0.84
C LYS A 110 7.96 8.50 0.61
N ASP A 111 7.54 7.62 1.52
CA ASP A 111 7.39 7.97 2.93
C ASP A 111 8.68 7.73 3.69
N SER A 112 9.22 8.79 4.28
CA SER A 112 10.44 8.69 5.07
C SER A 112 10.20 7.89 6.35
N THR A 113 11.15 7.03 6.69
CA THR A 113 11.06 6.25 7.93
C THR A 113 11.28 7.13 9.14
N LYS A 114 12.21 8.06 9.04
CA LYS A 114 12.55 8.96 10.15
C LYS A 114 11.50 10.05 10.29
N SER A 115 10.83 10.38 9.20
CA SER A 115 9.78 11.39 9.21
C SER A 115 8.58 10.95 8.39
N PRO A 116 7.78 10.04 8.96
CA PRO A 116 6.64 9.48 8.25
C PRO A 116 5.51 10.49 8.13
N GLN A 117 4.78 10.43 7.03
CA GLN A 117 3.68 11.36 6.78
C GLN A 117 2.37 10.61 6.61
N TYR A 118 2.42 9.48 5.92
CA TYR A 118 1.22 8.69 5.65
C TYR A 118 1.38 7.26 6.14
N VAL A 119 2.63 6.80 6.23
CA VAL A 119 2.92 5.48 6.76
C VAL A 119 3.63 5.56 8.11
N LYS A 120 2.85 5.43 9.17
CA LYS A 120 3.39 5.53 10.53
C LYS A 120 3.90 4.18 11.02
N THR A 121 4.91 4.21 11.87
CA THR A 121 5.56 2.99 12.34
C THR A 121 5.36 2.81 13.84
N VAL A 122 4.91 1.62 14.24
CA VAL A 122 4.85 1.26 15.65
C VAL A 122 5.81 0.13 15.97
N PRO A 123 6.85 0.45 16.75
CA PRO A 123 7.91 -0.51 17.04
C PRO A 123 7.35 -1.79 17.63
N LYS A 124 7.75 -2.93 17.05
CA LYS A 124 7.42 -4.23 17.62
C LYS A 124 5.92 -4.48 17.59
N ARG A 125 5.23 -3.80 16.67
CA ARG A 125 3.82 -4.06 16.43
C ARG A 125 3.52 -4.18 14.94
N GLY A 126 3.66 -3.07 14.22
CA GLY A 126 3.27 -3.00 12.82
C GLY A 126 3.26 -1.57 12.32
N TYR A 127 2.42 -1.30 11.33
CA TYR A 127 2.40 0.01 10.67
C TYR A 127 0.97 0.51 10.51
N GLN A 128 0.83 1.82 10.32
CA GLN A 128 -0.48 2.44 10.17
C GLN A 128 -0.52 3.34 8.95
N LEU A 129 -1.30 2.94 7.95
CA LEU A 129 -1.48 3.76 6.75
C LEU A 129 -2.68 4.68 6.89
N ILE A 130 -2.42 5.99 6.81
CA ILE A 130 -3.45 6.99 6.98
C ILE A 130 -3.66 7.79 5.69
N ALA A 131 -3.25 7.20 4.57
CA ALA A 131 -3.41 7.84 3.27
C ALA A 131 -4.88 8.00 2.91
N ARG A 132 -5.25 9.20 2.49
CA ARG A 132 -6.63 9.48 2.10
C ARG A 132 -6.98 8.76 0.79
N VAL A 133 -8.17 8.17 0.75
CA VAL A 133 -8.64 7.47 -0.44
C VAL A 133 -9.95 8.06 -0.94
N GLU A 134 -9.93 8.64 -2.13
CA GLU A 134 -11.12 9.19 -2.75
C GLU A 134 -11.35 8.61 -4.14
N THR A 135 -12.61 8.43 -4.50
CA THR A 135 -12.97 7.85 -5.79
C THR A 135 -12.92 8.91 -6.89
N VAL A 136 -12.23 8.59 -7.99
CA VAL A 136 -12.17 9.48 -9.13
C VAL A 136 -13.13 9.03 -10.24
N GLU A 137 -12.98 7.77 -10.65
CA GLU A 137 -13.84 7.22 -11.70
C GLU A 137 -13.80 5.69 -11.69
N GLU A 138 -14.81 5.08 -12.29
CA GLU A 138 -14.90 3.62 -12.33
C GLU A 138 -15.82 3.16 -13.44
#